data_4DAN
#
_entry.id   4DAN
#
_cell.length_a   135.804
_cell.length_b   135.804
_cell.length_c   55.154
_cell.angle_alpha   90.000
_cell.angle_beta   90.000
_cell.angle_gamma   120.000
#
_symmetry.space_group_name_H-M   'P 3 2 1'
#
loop_
_entity.id
_entity.type
_entity.pdbx_description
1 polymer 'Purine nucleoside phosphorylase deoD-type'
2 non-polymer 2-(6-AMINO-2-FLUORO-PURIN-9-YL)-5-HYDROXYMETHYL-TETRAHYDRO-FURAN-3,4-DIOL
#
_entity_poly.entity_id   1
_entity_poly.type   'polypeptide(L)'
_entity_poly.pdbx_seq_one_letter_code
;MGSSHHHHHHSSGLVPRGSHMSVHIGAEKGQIADTVLLPGDPLRAKFIAETYLENVECYNEVRGMYGFTGTYKGKKISVQ
GTGMGVPSISIYVNELIQSYDVQNLIRVGSCGAIRKDVKVRDVILAMTSSTDSQMNRVAFGSVDFAPCADFELLKNAYDA
AKDKGVPVTVGSVFTADQFYNDDSQIEKLAKYGVLGVEMETTALYTLAAKHGRKALSILTVSDHVLTGEETTAEERQTTF
HDMIDVALHSVSQ
;
_entity_poly.pdbx_strand_id   A,B
#
# COMPACT_ATOMS: atom_id res chain seq x y z
N SER A 22 6.46 17.28 4.18
CA SER A 22 5.53 16.66 3.18
C SER A 22 4.47 15.77 3.87
N VAL A 23 3.39 15.47 3.16
CA VAL A 23 2.16 14.88 3.78
C VAL A 23 2.33 13.50 4.51
N HIS A 24 3.29 12.67 4.08
CA HIS A 24 3.48 11.28 4.60
C HIS A 24 4.84 10.99 5.24
N ILE A 25 5.72 12.00 5.25
CA ILE A 25 7.08 11.89 5.78
C ILE A 25 7.35 13.08 6.72
N GLY A 26 7.68 12.77 7.98
CA GLY A 26 7.78 13.80 8.99
C GLY A 26 9.15 14.43 9.16
N ALA A 27 9.95 14.49 8.10
CA ALA A 27 11.34 14.91 8.24
C ALA A 27 11.48 16.39 7.94
N GLU A 28 12.50 16.99 8.55
CA GLU A 28 12.84 18.36 8.24
C GLU A 28 13.80 18.33 7.08
N LYS A 29 14.05 19.52 6.56
CA LYS A 29 15.18 19.73 5.68
C LYS A 29 16.45 19.10 6.24
N GLY A 30 17.15 18.38 5.38
CA GLY A 30 18.50 17.90 5.69
C GLY A 30 18.60 16.57 6.41
N GLN A 31 17.48 16.07 6.93
CA GLN A 31 17.46 14.76 7.58
C GLN A 31 17.53 13.56 6.63
N ILE A 32 17.22 13.76 5.35
CA ILE A 32 17.18 12.65 4.41
C ILE A 32 18.32 12.71 3.41
N ALA A 33 18.95 11.55 3.24
CA ALA A 33 20.14 11.40 2.44
C ALA A 33 19.85 11.60 0.96
N ASP A 34 20.91 11.81 0.19
CA ASP A 34 20.84 11.86 -1.26
C ASP A 34 20.41 10.50 -1.73
N THR A 35 20.82 9.48 -1.00
CA THR A 35 20.69 8.11 -1.41
C THR A 35 19.74 7.46 -0.44
N VAL A 36 18.75 6.74 -0.95
CA VAL A 36 17.72 6.16 -0.10
C VAL A 36 17.39 4.77 -0.54
N LEU A 37 17.48 3.81 0.40
CA LEU A 37 17.04 2.44 0.20
C LEU A 37 15.56 2.35 0.53
N LEU A 38 14.87 1.47 -0.16
CA LEU A 38 13.43 1.43 -0.13
C LEU A 38 12.95 0.00 -0.07
N PRO A 39 13.04 -0.60 1.11
CA PRO A 39 12.36 -1.88 1.36
C PRO A 39 10.87 -1.65 1.47
N GLY A 40 10.07 -2.69 1.21
CA GLY A 40 8.63 -2.59 1.37
C GLY A 40 8.23 -2.45 2.84
N ASP A 41 8.88 -3.25 3.68
CA ASP A 41 8.51 -3.44 5.07
C ASP A 41 9.26 -2.43 5.96
N PRO A 42 8.54 -1.64 6.79
CA PRO A 42 9.25 -0.70 7.69
C PRO A 42 10.13 -1.38 8.77
N LEU A 43 9.76 -2.59 9.19
CA LEU A 43 10.59 -3.34 10.16
C LEU A 43 11.86 -3.91 9.51
N ARG A 44 11.81 -4.20 8.21
CA ARG A 44 13.04 -4.47 7.46
C ARG A 44 13.89 -3.17 7.29
N ALA A 45 13.25 -1.99 7.28
CA ALA A 45 13.92 -0.69 7.18
C ALA A 45 14.73 -0.37 8.44
N LYS A 46 14.09 -0.52 9.58
CA LYS A 46 14.75 -0.46 10.89
C LYS A 46 15.86 -1.51 10.99
N PHE A 47 15.56 -2.73 10.56
CA PHE A 47 16.56 -3.78 10.53
C PHE A 47 17.84 -3.41 9.78
N ILE A 48 17.67 -2.94 8.54
CA ILE A 48 18.76 -2.44 7.67
C ILE A 48 19.56 -1.29 8.32
N ALA A 49 18.82 -0.33 8.84
CA ALA A 49 19.39 0.87 9.47
C ALA A 49 20.21 0.49 10.68
N GLU A 50 19.65 -0.33 11.56
CA GLU A 50 20.32 -0.69 12.82
C GLU A 50 21.49 -1.63 12.65
N THR A 51 21.43 -2.54 11.68
CA THR A 51 22.47 -3.56 11.49
C THR A 51 23.67 -3.07 10.67
N TYR A 52 23.41 -2.26 9.65
CA TYR A 52 24.45 -1.89 8.71
C TYR A 52 24.91 -0.44 8.81
N LEU A 53 24.14 0.44 9.45
CA LEU A 53 24.49 1.86 9.49
C LEU A 53 24.91 2.28 10.87
N GLU A 54 25.85 3.21 10.92
CA GLU A 54 26.28 3.89 12.13
C GLU A 54 25.58 5.25 12.24
N ASN A 55 25.42 5.73 13.47
CA ASN A 55 24.96 7.10 13.74
C ASN A 55 23.58 7.37 13.13
N VAL A 56 22.62 6.58 13.59
CA VAL A 56 21.31 6.40 12.97
C VAL A 56 20.24 7.20 13.72
N GLU A 57 19.45 7.98 12.99
CA GLU A 57 18.28 8.70 13.56
C GLU A 57 16.99 8.31 12.80
N CYS A 58 15.94 7.93 13.53
CA CYS A 58 14.63 7.68 12.91
C CYS A 58 13.94 9.01 12.60
N TYR A 59 13.85 9.37 11.32
CA TYR A 59 13.38 10.69 10.90
C TYR A 59 11.89 10.73 10.66
N ASN A 60 11.25 9.57 10.62
CA ASN A 60 9.81 9.48 10.35
C ASN A 60 9.09 8.31 11.02
N GLU A 61 7.98 8.62 11.72
CA GLU A 61 7.08 7.62 12.31
C GLU A 61 5.59 7.78 11.91
N VAL A 62 5.32 8.74 11.03
CA VAL A 62 3.98 8.96 10.49
C VAL A 62 3.49 7.69 9.78
N ARG A 63 2.32 7.21 10.17
CA ARG A 63 1.76 5.94 9.74
C ARG A 63 2.55 4.70 10.06
N GLY A 64 3.46 4.80 11.03
CA GLY A 64 4.37 3.71 11.33
C GLY A 64 5.13 3.22 10.10
N MET A 65 5.35 4.10 9.14
CA MET A 65 6.20 3.78 7.98
C MET A 65 7.55 4.45 8.23
N TYR A 66 8.42 3.72 8.92
CA TYR A 66 9.66 4.29 9.44
C TYR A 66 10.69 4.57 8.40
N GLY A 67 11.43 5.64 8.65
CA GLY A 67 12.57 6.02 7.85
C GLY A 67 13.71 6.40 8.75
N PHE A 68 14.90 5.92 8.41
CA PHE A 68 16.09 6.15 9.23
C PHE A 68 17.18 6.72 8.37
N THR A 69 18.07 7.48 8.98
CA THR A 69 19.26 7.92 8.29
C THR A 69 20.46 7.56 9.16
N GLY A 70 21.49 6.99 8.55
CA GLY A 70 22.77 6.77 9.22
C GLY A 70 23.91 6.92 8.22
N THR A 71 25.07 6.40 8.55
CA THR A 71 26.21 6.51 7.64
C THR A 71 26.77 5.13 7.35
N TYR A 72 27.30 4.95 6.14
CA TYR A 72 28.00 3.70 5.77
C TYR A 72 29.23 4.04 4.96
N LYS A 73 30.38 3.87 5.61
CA LYS A 73 31.71 4.27 5.05
C LYS A 73 31.77 5.76 4.71
N GLY A 74 31.39 6.58 5.67
CA GLY A 74 31.51 8.03 5.56
C GLY A 74 30.31 8.75 4.92
N LYS A 75 29.36 7.97 4.37
CA LYS A 75 28.33 8.51 3.51
C LYS A 75 26.90 8.29 4.01
N LYS A 76 26.10 9.37 4.09
CA LYS A 76 24.71 9.28 4.59
C LYS A 76 23.93 8.32 3.72
N ILE A 77 23.27 7.36 4.36
CA ILE A 77 22.36 6.48 3.66
C ILE A 77 21.02 6.49 4.36
N SER A 78 19.97 6.94 3.69
CA SER A 78 18.62 6.86 4.25
C SER A 78 17.97 5.54 3.89
N VAL A 79 17.08 5.10 4.77
CA VAL A 79 16.37 3.84 4.60
C VAL A 79 14.92 4.11 4.94
N GLN A 80 14.03 3.83 3.98
CA GLN A 80 12.63 4.25 4.06
C GLN A 80 11.68 3.12 3.66
N GLY A 81 10.67 2.87 4.48
CA GLY A 81 9.66 1.90 4.18
C GLY A 81 8.73 2.53 3.18
N THR A 82 8.19 1.72 2.30
CA THR A 82 7.32 2.23 1.26
C THR A 82 5.91 1.67 1.34
N GLY A 83 5.74 0.58 2.10
CA GLY A 83 4.51 -0.21 2.05
C GLY A 83 4.39 -1.04 0.78
N MET A 84 3.23 -1.62 0.55
CA MET A 84 3.05 -2.58 -0.54
C MET A 84 2.16 -1.98 -1.61
N GLY A 85 2.58 -2.14 -2.86
CA GLY A 85 1.80 -1.75 -4.01
C GLY A 85 2.30 -0.45 -4.59
N VAL A 86 2.04 -0.30 -5.90
CA VAL A 86 2.29 0.90 -6.72
C VAL A 86 1.81 2.23 -6.13
N PRO A 87 0.53 2.32 -5.72
CA PRO A 87 0.03 3.54 -5.07
C PRO A 87 0.85 3.95 -3.86
N SER A 88 1.30 2.96 -3.08
CA SER A 88 1.98 3.23 -1.81
C SER A 88 3.38 3.70 -2.10
N ILE A 89 4.16 2.90 -2.80
CA ILE A 89 5.51 3.35 -3.11
C ILE A 89 5.52 4.69 -3.87
N SER A 90 4.47 4.95 -4.68
CA SER A 90 4.38 6.22 -5.44
C SER A 90 4.28 7.43 -4.56
N ILE A 91 3.56 7.32 -3.45
CA ILE A 91 3.43 8.45 -2.55
C ILE A 91 4.80 8.78 -1.99
N TYR A 92 5.55 7.75 -1.63
CA TYR A 92 6.80 7.95 -0.90
C TYR A 92 7.88 8.44 -1.83
N VAL A 93 7.91 7.83 -3.01
CA VAL A 93 8.89 8.18 -3.99
C VAL A 93 8.64 9.60 -4.49
N ASN A 94 7.40 9.98 -4.68
CA ASN A 94 7.14 11.38 -5.11
C ASN A 94 7.60 12.42 -4.10
N GLU A 95 7.41 12.09 -2.83
CA GLU A 95 7.71 12.99 -1.73
C GLU A 95 9.20 13.03 -1.45
N LEU A 96 9.83 11.87 -1.53
CA LEU A 96 11.26 11.81 -1.38
C LEU A 96 11.90 12.66 -2.50
N ILE A 97 11.47 12.44 -3.73
CA ILE A 97 11.97 13.23 -4.84
C ILE A 97 11.61 14.69 -4.69
N GLN A 98 10.32 15.00 -4.65
CA GLN A 98 9.87 16.40 -4.74
C GLN A 98 10.21 17.22 -3.50
N SER A 99 9.98 16.68 -2.31
CA SER A 99 10.19 17.47 -1.11
C SER A 99 11.60 17.40 -0.54
N TYR A 100 12.30 16.31 -0.84
CA TYR A 100 13.63 16.06 -0.25
C TYR A 100 14.77 15.91 -1.27
N ASP A 101 14.50 16.23 -2.53
CA ASP A 101 15.56 16.23 -3.54
C ASP A 101 16.49 14.97 -3.46
N VAL A 102 15.89 13.84 -3.13
CA VAL A 102 16.58 12.56 -3.20
C VAL A 102 17.04 12.30 -4.65
N GLN A 103 18.28 11.88 -4.78
CA GLN A 103 18.90 11.65 -6.08
C GLN A 103 18.93 10.19 -6.47
N ASN A 104 19.29 9.32 -5.55
CA ASN A 104 19.37 7.87 -5.81
C ASN A 104 18.35 7.09 -5.00
N LEU A 105 17.50 6.33 -5.68
CA LEU A 105 16.45 5.54 -5.04
C LEU A 105 16.59 4.07 -5.40
N ILE A 106 16.95 3.25 -4.41
CA ILE A 106 17.20 1.84 -4.65
C ILE A 106 16.26 1.01 -3.82
N ARG A 107 15.33 0.34 -4.49
CA ARG A 107 14.45 -0.63 -3.86
C ARG A 107 15.21 -1.93 -3.57
N VAL A 108 15.13 -2.35 -2.31
CA VAL A 108 15.67 -3.63 -1.88
C VAL A 108 14.54 -4.48 -1.31
N GLY A 109 14.19 -5.57 -1.98
CA GLY A 109 13.06 -6.34 -1.53
C GLY A 109 13.08 -7.74 -2.06
N SER A 110 11.91 -8.36 -2.11
CA SER A 110 11.83 -9.70 -2.61
C SER A 110 10.74 -9.84 -3.63
N CYS A 111 10.72 -11.00 -4.27
CA CYS A 111 9.82 -11.27 -5.37
C CYS A 111 9.64 -12.77 -5.46
N GLY A 112 8.52 -13.20 -6.04
CA GLY A 112 8.26 -14.60 -6.25
C GLY A 112 8.91 -14.98 -7.56
N ALA A 113 9.86 -15.91 -7.51
CA ALA A 113 10.42 -16.45 -8.75
C ALA A 113 9.31 -17.14 -9.55
N ILE A 114 9.20 -16.79 -10.83
CA ILE A 114 8.23 -17.44 -11.73
C ILE A 114 8.89 -18.43 -12.71
N ARG A 115 10.21 -18.51 -12.73
CA ARG A 115 10.87 -19.49 -13.61
C ARG A 115 11.84 -20.44 -12.85
N LYS A 116 11.98 -21.66 -13.38
CA LYS A 116 12.88 -22.67 -12.81
C LYS A 116 14.35 -22.23 -12.83
N ASP A 117 14.79 -21.60 -13.92
CA ASP A 117 16.16 -21.09 -14.01
C ASP A 117 16.44 -19.81 -13.18
N VAL A 118 15.46 -19.36 -12.38
CA VAL A 118 15.72 -18.41 -11.31
C VAL A 118 15.85 -19.22 -10.04
N LYS A 119 17.04 -19.22 -9.46
CA LYS A 119 17.33 -20.06 -8.33
C LYS A 119 17.20 -19.22 -7.10
N VAL A 120 17.08 -19.90 -5.96
CA VAL A 120 16.68 -19.24 -4.72
C VAL A 120 17.70 -18.20 -4.23
N ARG A 121 18.98 -18.41 -4.59
CA ARG A 121 20.09 -17.58 -4.14
C ARG A 121 20.40 -16.44 -5.10
N ASP A 122 19.88 -16.49 -6.32
CA ASP A 122 20.17 -15.47 -7.31
C ASP A 122 19.66 -14.09 -6.86
N VAL A 123 20.55 -13.10 -6.83
CA VAL A 123 20.14 -11.73 -6.61
C VAL A 123 19.73 -11.12 -7.97
N ILE A 124 18.49 -10.65 -8.07
CA ILE A 124 17.97 -10.08 -9.30
C ILE A 124 18.14 -8.56 -9.36
N LEU A 125 18.59 -8.06 -10.50
CA LEU A 125 18.56 -6.61 -10.76
C LEU A 125 17.55 -6.38 -11.88
N ALA A 126 16.58 -5.49 -11.70
CA ALA A 126 15.58 -5.27 -12.74
C ALA A 126 16.05 -4.22 -13.78
N MET A 127 16.19 -4.66 -15.03
CA MET A 127 16.38 -3.73 -16.15
C MET A 127 15.10 -2.97 -16.40
N THR A 128 13.99 -3.69 -16.29
CA THR A 128 12.71 -3.15 -16.64
C THR A 128 11.63 -3.97 -15.96
N SER A 129 10.39 -3.53 -16.06
CA SER A 129 9.27 -4.22 -15.43
C SER A 129 8.00 -4.06 -16.25
N SER A 130 7.30 -5.17 -16.42
CA SER A 130 5.97 -5.20 -17.00
C SER A 130 5.02 -5.00 -15.84
N THR A 131 3.78 -4.67 -16.13
CA THR A 131 2.84 -4.39 -15.05
C THR A 131 1.42 -4.61 -15.50
N ASP A 132 0.52 -4.87 -14.55
CA ASP A 132 -0.92 -4.78 -14.84
C ASP A 132 -1.50 -3.46 -14.30
N SER A 133 -0.62 -2.59 -13.80
CA SER A 133 -0.97 -1.28 -13.25
C SER A 133 -1.43 -0.35 -14.37
N GLN A 134 -2.45 0.45 -14.07
CA GLN A 134 -2.98 1.35 -15.09
C GLN A 134 -2.22 2.66 -15.06
N MET A 135 -1.28 2.78 -14.12
CA MET A 135 -0.71 4.09 -13.84
C MET A 135 -0.19 4.74 -15.14
N ASN A 136 0.53 3.97 -15.94
CA ASN A 136 1.14 4.48 -17.15
C ASN A 136 0.18 4.62 -18.34
N ARG A 137 -0.70 3.65 -18.57
CA ARG A 137 -1.78 3.85 -19.52
C ARG A 137 -2.57 5.15 -19.21
N VAL A 138 -2.78 5.44 -17.93
CA VAL A 138 -3.41 6.71 -17.48
C VAL A 138 -2.62 7.96 -17.95
N ALA A 139 -1.30 7.82 -18.05
CA ALA A 139 -0.42 8.91 -18.54
C ALA A 139 -0.31 8.97 -20.08
N PHE A 140 -0.36 7.81 -20.75
CA PHE A 140 0.09 7.66 -22.16
C PHE A 140 -0.93 7.16 -23.22
N GLY A 141 -2.16 6.84 -22.81
CA GLY A 141 -3.18 6.32 -23.72
C GLY A 141 -2.83 4.98 -24.37
N SER A 142 -2.49 5.04 -25.65
CA SER A 142 -2.16 3.86 -26.45
C SER A 142 -0.66 3.55 -26.56
N VAL A 143 0.17 4.04 -25.63
CA VAL A 143 1.58 3.62 -25.53
C VAL A 143 1.76 2.63 -24.37
N ASP A 144 2.52 1.58 -24.63
CA ASP A 144 3.07 0.75 -23.58
C ASP A 144 4.35 1.45 -23.17
N PHE A 145 4.39 1.96 -21.95
CA PHE A 145 5.61 2.56 -21.43
C PHE A 145 6.40 1.48 -20.68
N ALA A 146 7.59 1.17 -21.20
CA ALA A 146 8.54 0.29 -20.53
C ALA A 146 9.43 1.08 -19.57
N PRO A 147 9.22 0.95 -18.25
CA PRO A 147 10.09 1.68 -17.34
C PRO A 147 11.48 1.08 -17.35
N CYS A 148 12.48 1.94 -17.17
CA CYS A 148 13.88 1.59 -17.34
C CYS A 148 14.67 1.92 -16.08
N ALA A 149 15.61 1.05 -15.74
CA ALA A 149 16.52 1.28 -14.61
C ALA A 149 17.59 2.26 -15.06
N ASP A 150 18.08 3.09 -14.15
CA ASP A 150 19.29 3.87 -14.40
C ASP A 150 20.52 2.95 -14.53
N PHE A 151 21.12 2.95 -15.70
CA PHE A 151 22.14 1.94 -16.02
C PHE A 151 23.41 2.04 -15.21
N GLU A 152 23.75 3.26 -14.80
CA GLU A 152 24.90 3.49 -13.98
C GLU A 152 24.74 2.77 -12.64
N LEU A 153 23.62 3.01 -11.97
CA LEU A 153 23.31 2.29 -10.75
C LEU A 153 23.34 0.81 -11.03
N LEU A 154 22.76 0.40 -12.15
CA LEU A 154 22.65 -1.03 -12.43
C LEU A 154 24.04 -1.64 -12.60
N LYS A 155 24.89 -0.97 -13.37
CA LYS A 155 26.26 -1.44 -13.62
C LYS A 155 27.06 -1.51 -12.34
N ASN A 156 26.94 -0.46 -11.54
CA ASN A 156 27.58 -0.42 -10.24
C ASN A 156 27.17 -1.55 -9.34
N ALA A 157 25.88 -1.88 -9.33
CA ALA A 157 25.40 -3.00 -8.55
C ALA A 157 25.88 -4.31 -9.14
N TYR A 158 25.88 -4.41 -10.46
CA TYR A 158 26.43 -5.59 -11.12
C TYR A 158 27.89 -5.80 -10.73
N ASP A 159 28.68 -4.74 -10.87
CA ASP A 159 30.10 -4.77 -10.57
C ASP A 159 30.38 -5.19 -9.15
N ALA A 160 29.62 -4.64 -8.21
CA ALA A 160 29.81 -4.93 -6.80
C ALA A 160 29.45 -6.39 -6.48
N ALA A 161 28.42 -6.91 -7.11
CA ALA A 161 28.07 -8.33 -6.99
C ALA A 161 29.19 -9.22 -7.56
N LYS A 162 29.66 -8.94 -8.77
CA LYS A 162 30.76 -9.73 -9.35
C LYS A 162 32.08 -9.60 -8.54
N ASP A 163 32.36 -8.43 -8.01
CA ASP A 163 33.58 -8.20 -7.26
C ASP A 163 33.65 -9.04 -5.98
N LYS A 164 32.49 -9.36 -5.42
CA LYS A 164 32.40 -10.25 -4.28
C LYS A 164 32.01 -11.72 -4.63
N GLY A 165 31.52 -11.94 -5.84
CA GLY A 165 31.03 -13.26 -6.25
C GLY A 165 29.65 -13.60 -5.71
N VAL A 166 28.84 -12.56 -5.49
CA VAL A 166 27.42 -12.69 -5.17
C VAL A 166 26.67 -13.09 -6.46
N PRO A 167 25.95 -14.23 -6.42
CA PRO A 167 25.28 -14.66 -7.64
C PRO A 167 24.19 -13.67 -8.01
N VAL A 168 24.15 -13.27 -9.29
CA VAL A 168 23.34 -12.15 -9.77
C VAL A 168 22.70 -12.46 -11.13
N THR A 169 21.42 -12.19 -11.30
CA THR A 169 20.76 -12.39 -12.59
C THR A 169 20.15 -11.07 -12.98
N VAL A 170 20.28 -10.69 -14.25
CA VAL A 170 19.71 -9.43 -14.74
C VAL A 170 18.69 -9.67 -15.79
N GLY A 171 17.58 -8.96 -15.68
CA GLY A 171 16.44 -9.11 -16.58
C GLY A 171 15.22 -8.43 -15.96
N SER A 172 14.03 -8.95 -16.25
CA SER A 172 12.79 -8.20 -16.00
C SER A 172 11.91 -8.83 -14.95
N VAL A 173 11.14 -7.98 -14.28
CA VAL A 173 10.15 -8.44 -13.34
C VAL A 173 8.76 -8.06 -13.80
N PHE A 174 7.77 -8.47 -13.03
CA PHE A 174 6.39 -8.06 -13.25
C PHE A 174 5.88 -7.39 -11.99
N THR A 175 5.39 -6.17 -12.12
CA THR A 175 4.87 -5.41 -11.01
C THR A 175 3.37 -5.58 -10.99
N ALA A 176 2.91 -6.43 -10.08
CA ALA A 176 1.52 -6.83 -10.00
C ALA A 176 0.73 -5.83 -9.11
N ASP A 177 -0.59 -5.83 -9.24
CA ASP A 177 -1.46 -5.01 -8.36
C ASP A 177 -2.25 -5.89 -7.40
N GLN A 178 -2.62 -7.08 -7.85
CA GLN A 178 -3.26 -8.08 -7.02
C GLN A 178 -2.28 -9.22 -6.69
N PHE A 179 -1.69 -9.17 -5.52
CA PHE A 179 -0.98 -10.32 -4.99
C PHE A 179 -1.74 -11.64 -5.19
N TYR A 180 -3.05 -11.62 -4.98
CA TYR A 180 -3.94 -12.77 -5.22
C TYR A 180 -4.79 -12.54 -6.48
N ASN A 181 -4.32 -13.05 -7.62
CA ASN A 181 -4.86 -12.65 -8.94
C ASN A 181 -5.58 -13.82 -9.58
N ASP A 182 -6.90 -13.86 -9.46
CA ASP A 182 -7.75 -14.91 -10.10
C ASP A 182 -7.51 -15.06 -11.62
N ASP A 183 -7.19 -13.94 -12.29
CA ASP A 183 -6.86 -13.92 -13.72
C ASP A 183 -5.36 -13.65 -13.89
N SER A 184 -4.52 -14.49 -13.27
CA SER A 184 -3.07 -14.30 -13.30
C SER A 184 -2.49 -14.72 -14.65
N GLN A 185 -1.61 -13.84 -15.15
CA GLN A 185 -0.93 -14.00 -16.43
C GLN A 185 0.57 -14.20 -16.26
N ILE A 186 0.99 -14.62 -15.06
CA ILE A 186 2.39 -14.95 -14.83
C ILE A 186 2.80 -16.23 -15.58
N GLU A 187 1.85 -17.12 -15.85
CA GLU A 187 2.15 -18.32 -16.64
C GLU A 187 2.62 -17.94 -18.04
N LYS A 188 2.04 -16.88 -18.61
CA LYS A 188 2.48 -16.39 -19.93
C LYS A 188 3.73 -15.50 -19.83
N LEU A 189 3.84 -14.69 -18.78
CA LEU A 189 5.01 -13.81 -18.63
C LEU A 189 6.31 -14.58 -18.39
N ALA A 190 6.20 -15.75 -17.77
CA ALA A 190 7.32 -16.69 -17.63
C ALA A 190 7.84 -17.11 -18.99
N LYS A 191 6.93 -17.37 -19.93
CA LYS A 191 7.31 -17.76 -21.30
C LYS A 191 8.04 -16.68 -22.11
N TYR A 192 7.92 -15.42 -21.69
CA TYR A 192 8.61 -14.29 -22.35
C TYR A 192 9.90 -13.82 -21.62
N GLY A 193 10.39 -14.65 -20.69
CA GLY A 193 11.64 -14.37 -19.99
C GLY A 193 11.50 -13.76 -18.60
N VAL A 194 10.29 -13.32 -18.22
CA VAL A 194 10.13 -12.56 -17.01
C VAL A 194 10.50 -13.38 -15.77
N LEU A 195 11.36 -12.81 -14.94
CA LEU A 195 12.07 -13.56 -13.91
C LEU A 195 11.23 -13.76 -12.65
N GLY A 196 10.53 -12.72 -12.21
CA GLY A 196 9.78 -12.78 -10.96
C GLY A 196 8.71 -11.71 -10.85
N VAL A 197 7.90 -11.84 -9.80
CA VAL A 197 6.74 -10.99 -9.60
C VAL A 197 6.83 -10.26 -8.27
N GLU A 198 6.56 -8.98 -8.28
CA GLU A 198 6.52 -8.21 -7.06
C GLU A 198 5.57 -7.04 -7.35
N MET A 199 5.55 -6.01 -6.51
CA MET A 199 4.47 -5.01 -6.57
C MET A 199 4.86 -3.51 -6.59
N GLU A 200 6.14 -3.18 -6.80
CA GLU A 200 6.56 -1.78 -6.72
C GLU A 200 7.37 -1.25 -7.88
N THR A 201 8.25 -2.07 -8.42
CA THR A 201 9.30 -1.59 -9.34
C THR A 201 8.87 -0.58 -10.42
N THR A 202 7.74 -0.85 -11.09
CA THR A 202 7.33 0.00 -12.25
C THR A 202 7.08 1.43 -11.79
N ALA A 203 6.53 1.58 -10.58
CA ALA A 203 6.25 2.88 -9.97
C ALA A 203 7.55 3.66 -9.74
N LEU A 204 8.49 2.99 -9.09
CA LEU A 204 9.81 3.55 -8.81
C LEU A 204 10.56 3.98 -10.07
N TYR A 205 10.55 3.13 -11.09
CA TYR A 205 11.34 3.38 -12.30
C TYR A 205 10.68 4.47 -13.17
N THR A 206 9.36 4.57 -13.09
CA THR A 206 8.65 5.52 -13.91
C THR A 206 8.73 6.92 -13.30
N LEU A 207 8.55 7.00 -11.99
CA LEU A 207 8.61 8.28 -11.26
C LEU A 207 10.04 8.84 -11.13
N ALA A 208 11.02 7.95 -10.99
CA ALA A 208 12.43 8.37 -10.93
C ALA A 208 12.82 9.06 -12.25
N ALA A 209 12.48 8.41 -13.35
CA ALA A 209 12.85 8.91 -14.67
C ALA A 209 12.13 10.20 -14.99
N LYS A 210 10.82 10.28 -14.68
CA LYS A 210 10.03 11.49 -14.93
C LYS A 210 10.71 12.73 -14.33
N HIS A 211 11.23 12.57 -13.11
CA HIS A 211 11.89 13.66 -12.37
C HIS A 211 13.42 13.67 -12.49
N GLY A 212 13.96 12.92 -13.45
CA GLY A 212 15.37 12.96 -13.76
C GLY A 212 16.31 12.48 -12.67
N ARG A 213 15.82 11.54 -11.85
CA ARG A 213 16.62 10.91 -10.78
C ARG A 213 16.95 9.49 -11.16
N LYS A 214 17.84 8.87 -10.41
CA LYS A 214 18.30 7.51 -10.71
C LYS A 214 17.61 6.48 -9.84
N ALA A 215 17.17 5.38 -10.43
CA ALA A 215 16.54 4.31 -9.66
C ALA A 215 17.01 2.90 -10.06
N LEU A 216 17.00 1.98 -9.10
CA LEU A 216 17.27 0.55 -9.37
C LEU A 216 16.56 -0.33 -8.36
N SER A 217 16.14 -1.49 -8.82
CA SER A 217 15.53 -2.45 -7.93
C SER A 217 16.43 -3.64 -7.78
N ILE A 218 16.77 -3.97 -6.53
CA ILE A 218 17.46 -5.21 -6.26
C ILE A 218 16.53 -6.13 -5.47
N LEU A 219 16.42 -7.39 -5.92
CA LEU A 219 15.41 -8.30 -5.38
C LEU A 219 15.88 -9.75 -5.12
N THR A 220 15.63 -10.26 -3.91
CA THR A 220 15.84 -11.67 -3.58
C THR A 220 14.57 -12.48 -3.81
N VAL A 221 14.70 -13.79 -3.90
CA VAL A 221 13.58 -14.70 -4.17
C VAL A 221 12.91 -15.14 -2.87
N SER A 222 11.59 -15.02 -2.79
CA SER A 222 10.87 -15.42 -1.56
C SER A 222 10.23 -16.82 -1.71
N ASP A 223 9.81 -17.15 -2.92
CA ASP A 223 9.31 -18.50 -3.20
C ASP A 223 9.35 -18.70 -4.70
N HIS A 224 9.14 -19.95 -5.12
CA HIS A 224 8.89 -20.24 -6.51
C HIS A 224 7.40 -20.42 -6.66
N VAL A 225 6.80 -19.46 -7.34
CA VAL A 225 5.36 -19.31 -7.39
C VAL A 225 4.64 -20.39 -8.15
N LEU A 226 5.26 -20.84 -9.25
CA LEU A 226 4.61 -21.82 -10.12
C LEU A 226 4.94 -23.26 -9.76
N THR A 227 5.86 -23.46 -8.83
CA THR A 227 5.99 -24.76 -8.17
C THR A 227 5.57 -24.66 -6.71
N GLY A 228 5.07 -23.46 -6.31
CA GLY A 228 4.50 -23.21 -4.96
C GLY A 228 5.55 -23.19 -3.85
N GLU A 229 6.73 -23.72 -4.21
CA GLU A 229 7.82 -24.20 -3.34
C GLU A 229 8.50 -23.10 -2.55
N GLU A 230 8.83 -23.36 -1.28
CA GLU A 230 9.40 -22.34 -0.39
C GLU A 230 10.94 -22.33 -0.32
N THR A 231 11.45 -21.17 0.08
CA THR A 231 12.85 -20.97 0.40
C THR A 231 12.96 -20.90 1.96
N THR A 232 13.97 -21.57 2.50
CA THR A 232 14.15 -21.65 3.95
C THR A 232 14.59 -20.32 4.55
N ALA A 233 14.30 -20.13 5.84
CA ALA A 233 14.62 -18.89 6.57
C ALA A 233 16.11 -18.56 6.52
N GLU A 234 16.92 -19.61 6.34
CA GLU A 234 18.37 -19.50 6.24
C GLU A 234 18.79 -19.00 4.87
N GLU A 235 18.11 -19.50 3.84
CA GLU A 235 18.36 -19.04 2.48
C GLU A 235 18.04 -17.55 2.36
N ARG A 236 16.89 -17.15 2.91
CA ARG A 236 16.39 -15.76 2.81
C ARG A 236 17.28 -14.78 3.57
N GLN A 237 17.79 -15.22 4.70
CA GLN A 237 18.66 -14.39 5.52
C GLN A 237 19.99 -14.17 4.78
N THR A 238 20.48 -15.24 4.16
CA THR A 238 21.70 -15.17 3.40
C THR A 238 21.51 -14.23 2.22
N THR A 239 20.49 -14.49 1.40
CA THR A 239 20.24 -13.67 0.23
C THR A 239 19.88 -12.24 0.57
N PHE A 240 19.28 -12.00 1.73
CA PHE A 240 18.94 -10.65 2.09
C PHE A 240 20.20 -9.89 2.46
N HIS A 241 21.14 -10.54 3.12
CA HIS A 241 22.40 -9.86 3.43
C HIS A 241 23.17 -9.45 2.15
N ASP A 242 23.33 -10.41 1.25
CA ASP A 242 23.94 -10.20 -0.05
C ASP A 242 23.36 -9.00 -0.74
N MET A 243 22.04 -8.90 -0.68
CA MET A 243 21.32 -7.86 -1.35
C MET A 243 21.63 -6.51 -0.76
N ILE A 244 21.81 -6.46 0.55
CA ILE A 244 22.13 -5.20 1.21
C ILE A 244 23.55 -4.83 0.87
N ASP A 245 24.48 -5.76 1.04
CA ASP A 245 25.87 -5.45 0.75
C ASP A 245 26.14 -4.98 -0.67
N VAL A 246 25.34 -5.47 -1.62
CA VAL A 246 25.47 -5.03 -3.02
C VAL A 246 24.98 -3.59 -3.15
N ALA A 247 23.76 -3.36 -2.71
CA ALA A 247 23.15 -2.04 -2.66
C ALA A 247 24.09 -1.00 -2.08
N LEU A 248 24.68 -1.32 -0.94
CA LEU A 248 25.50 -0.34 -0.24
C LEU A 248 26.72 0.10 -1.06
N HIS A 249 27.02 -0.63 -2.14
CA HIS A 249 28.02 -0.21 -3.15
C HIS A 249 27.46 0.16 -4.54
N SER A 250 26.21 0.59 -4.67
CA SER A 250 25.72 0.99 -5.99
C SER A 250 25.83 2.53 -6.22
N SER B 22 -1.98 -16.93 7.97
CA SER B 22 -1.76 -16.44 6.58
C SER B 22 -0.40 -15.76 6.47
N VAL B 23 -0.11 -15.21 5.28
CA VAL B 23 1.23 -14.68 4.98
C VAL B 23 1.46 -13.29 5.56
N HIS B 24 0.49 -12.39 5.45
CA HIS B 24 0.65 -11.00 5.92
C HIS B 24 0.01 -10.72 7.26
N ILE B 25 -0.63 -11.72 7.85
CA ILE B 25 -1.29 -11.54 9.14
C ILE B 25 -0.78 -12.62 10.07
N GLY B 26 -0.35 -12.19 11.27
CA GLY B 26 0.26 -13.09 12.26
C GLY B 26 -0.63 -13.57 13.40
N ALA B 27 -1.94 -13.51 13.22
CA ALA B 27 -2.90 -14.07 14.18
C ALA B 27 -2.92 -15.61 14.17
N GLU B 28 -3.51 -16.18 15.24
CA GLU B 28 -3.92 -17.59 15.28
C GLU B 28 -5.42 -17.73 14.97
N LYS B 29 -5.88 -18.97 14.82
CA LYS B 29 -7.32 -19.29 14.83
C LYS B 29 -8.00 -18.56 15.98
N GLY B 30 -8.98 -17.73 15.66
CA GLY B 30 -9.83 -17.15 16.67
C GLY B 30 -9.48 -15.75 17.11
N GLN B 31 -8.27 -15.29 16.82
CA GLN B 31 -7.88 -13.98 17.34
C GLN B 31 -8.60 -12.84 16.67
N ILE B 32 -9.19 -13.11 15.50
CA ILE B 32 -9.92 -12.07 14.77
C ILE B 32 -11.43 -12.34 14.80
N ALA B 33 -12.17 -11.28 15.10
CA ALA B 33 -13.62 -11.30 15.15
C ALA B 33 -14.24 -11.38 13.76
N ASP B 34 -15.55 -11.58 13.75
CA ASP B 34 -16.40 -11.53 12.57
C ASP B 34 -16.32 -10.19 11.84
N THR B 35 -16.31 -9.13 12.64
CA THR B 35 -16.41 -7.77 12.19
C THR B 35 -15.08 -7.11 12.35
N VAL B 36 -14.59 -6.46 11.30
CA VAL B 36 -13.30 -5.78 11.34
C VAL B 36 -13.45 -4.34 10.89
N LEU B 37 -12.88 -3.41 11.66
CA LEU B 37 -12.68 -2.06 11.13
C LEU B 37 -11.36 -2.02 10.38
N LEU B 38 -11.35 -1.32 9.25
CA LEU B 38 -10.18 -1.32 8.38
C LEU B 38 -9.77 0.12 8.06
N PRO B 39 -9.03 0.77 8.98
CA PRO B 39 -8.44 2.08 8.74
C PRO B 39 -7.15 1.98 7.93
N GLY B 40 -6.75 3.06 7.27
CA GLY B 40 -5.56 3.01 6.40
C GLY B 40 -4.27 2.92 7.18
N ASP B 41 -4.26 3.63 8.29
CA ASP B 41 -3.08 3.93 9.07
C ASP B 41 -3.00 2.96 10.26
N PRO B 42 -1.98 2.09 10.32
CA PRO B 42 -1.85 1.17 11.45
C PRO B 42 -1.88 1.86 12.80
N LEU B 43 -1.34 3.07 12.87
CA LEU B 43 -1.32 3.82 14.14
C LEU B 43 -2.71 4.36 14.54
N ARG B 44 -3.59 4.60 13.55
CA ARG B 44 -5.01 4.87 13.85
C ARG B 44 -5.69 3.57 14.31
N ALA B 45 -5.29 2.42 13.77
CA ALA B 45 -5.81 1.14 14.24
C ALA B 45 -5.51 0.98 15.74
N LYS B 46 -4.28 1.28 16.12
CA LYS B 46 -3.87 1.15 17.50
C LYS B 46 -4.67 2.14 18.35
N PHE B 47 -4.79 3.37 17.87
CA PHE B 47 -5.49 4.41 18.59
C PHE B 47 -6.97 4.07 18.81
N ILE B 48 -7.62 3.56 17.77
CA ILE B 48 -9.00 3.12 17.86
C ILE B 48 -9.17 1.97 18.86
N ALA B 49 -8.26 0.98 18.80
CA ALA B 49 -8.35 -0.19 19.69
C ALA B 49 -8.27 0.25 21.16
N GLU B 50 -7.29 1.09 21.46
CA GLU B 50 -7.04 1.54 22.82
C GLU B 50 -8.10 2.49 23.33
N THR B 51 -8.76 3.23 22.45
CA THR B 51 -9.70 4.27 22.92
C THR B 51 -11.14 3.79 23.08
N TYR B 52 -11.58 2.92 22.19
CA TYR B 52 -12.97 2.47 22.17
C TYR B 52 -13.19 1.02 22.58
N LEU B 53 -12.14 0.22 22.60
CA LEU B 53 -12.29 -1.22 22.85
C LEU B 53 -11.71 -1.66 24.19
N GLU B 54 -12.35 -2.69 24.76
CA GLU B 54 -11.98 -3.27 26.07
C GLU B 54 -11.22 -4.58 25.86
N ASN B 55 -10.32 -4.89 26.78
CA ASN B 55 -9.59 -6.16 26.76
C ASN B 55 -8.92 -6.42 25.41
N VAL B 56 -8.02 -5.49 25.09
CA VAL B 56 -7.39 -5.42 23.78
C VAL B 56 -6.19 -6.38 23.72
N GLU B 57 -6.05 -7.06 22.58
CA GLU B 57 -4.84 -7.81 22.24
C GLU B 57 -4.31 -7.43 20.87
N CYS B 58 -3.01 -7.23 20.76
CA CYS B 58 -2.34 -7.19 19.47
C CYS B 58 -2.16 -8.64 18.98
N TYR B 59 -2.74 -8.95 17.83
CA TYR B 59 -2.66 -10.29 17.22
C TYR B 59 -1.77 -10.29 15.96
N ASN B 60 -1.35 -9.10 15.54
CA ASN B 60 -0.49 -8.94 14.39
C ASN B 60 0.39 -7.69 14.45
N GLU B 61 1.70 -7.92 14.32
CA GLU B 61 2.71 -6.87 14.17
C GLU B 61 3.57 -7.06 12.91
N VAL B 62 3.17 -8.01 12.05
CA VAL B 62 3.87 -8.25 10.79
C VAL B 62 3.84 -6.94 10.01
N ARG B 63 5.01 -6.58 9.47
CA ARG B 63 5.17 -5.35 8.70
C ARG B 63 4.82 -4.03 9.38
N GLY B 64 4.62 -4.03 10.70
CA GLY B 64 4.15 -2.81 11.39
C GLY B 64 2.68 -2.49 11.09
N MET B 65 1.98 -3.43 10.45
CA MET B 65 0.58 -3.26 10.11
C MET B 65 -0.21 -3.97 11.21
N TYR B 66 -0.58 -3.20 12.22
CA TYR B 66 -1.13 -3.71 13.46
C TYR B 66 -2.58 -4.10 13.35
N GLY B 67 -2.86 -5.25 13.99
CA GLY B 67 -4.21 -5.76 14.17
C GLY B 67 -4.48 -5.95 15.65
N PHE B 68 -5.60 -5.39 16.12
CA PHE B 68 -6.04 -5.52 17.51
C PHE B 68 -7.45 -6.05 17.56
N THR B 69 -7.74 -6.82 18.60
CA THR B 69 -9.08 -7.32 18.90
C THR B 69 -9.47 -6.98 20.33
N GLY B 70 -10.59 -6.29 20.49
CA GLY B 70 -11.17 -6.04 21.80
C GLY B 70 -12.67 -6.34 21.78
N THR B 71 -13.41 -5.72 22.70
CA THR B 71 -14.85 -5.86 22.72
C THR B 71 -15.47 -4.48 22.93
N TYR B 72 -16.60 -4.24 22.28
CA TYR B 72 -17.34 -2.99 22.43
C TYR B 72 -18.73 -3.37 22.86
N LYS B 73 -19.16 -2.87 24.01
CA LYS B 73 -20.44 -3.31 24.59
C LYS B 73 -20.55 -4.83 24.38
N GLY B 74 -19.54 -5.54 24.92
CA GLY B 74 -19.51 -7.00 24.90
C GLY B 74 -19.88 -7.59 23.56
N LYS B 75 -19.24 -7.11 22.50
CA LYS B 75 -19.22 -7.80 21.23
C LYS B 75 -17.78 -7.75 20.72
N LYS B 76 -17.30 -8.82 20.10
CA LYS B 76 -15.92 -8.86 19.61
C LYS B 76 -15.80 -8.04 18.31
N ILE B 77 -14.72 -7.26 18.23
CA ILE B 77 -14.44 -6.35 17.12
C ILE B 77 -12.91 -6.23 16.92
N SER B 78 -12.44 -6.51 15.71
CA SER B 78 -11.03 -6.31 15.39
C SER B 78 -10.81 -5.06 14.53
N VAL B 79 -9.57 -4.56 14.60
CA VAL B 79 -9.17 -3.33 13.92
C VAL B 79 -7.82 -3.62 13.31
N GLN B 80 -7.77 -3.64 11.99
CA GLN B 80 -6.58 -3.98 11.21
C GLN B 80 -6.22 -2.88 10.20
N GLY B 81 -5.05 -2.27 10.39
CA GLY B 81 -4.52 -1.33 9.41
C GLY B 81 -4.37 -2.03 8.07
N THR B 82 -4.72 -1.32 6.98
CA THR B 82 -4.67 -1.87 5.62
C THR B 82 -3.52 -1.37 4.75
N GLY B 83 -2.92 -0.23 5.11
CA GLY B 83 -1.95 0.45 4.25
C GLY B 83 -2.69 1.19 3.14
N MET B 84 -1.94 1.95 2.34
CA MET B 84 -2.53 2.84 1.35
C MET B 84 -2.50 2.22 -0.03
N GLY B 85 -3.57 2.41 -0.80
CA GLY B 85 -3.69 1.87 -2.15
C GLY B 85 -4.43 0.54 -2.25
N VAL B 86 -5.02 0.32 -3.42
CA VAL B 86 -5.79 -0.88 -3.75
C VAL B 86 -5.10 -2.22 -3.50
N PRO B 87 -3.80 -2.37 -3.89
CA PRO B 87 -3.01 -3.58 -3.62
C PRO B 87 -2.86 -3.89 -2.15
N SER B 88 -2.57 -2.88 -1.33
CA SER B 88 -2.34 -3.11 0.10
C SER B 88 -3.60 -3.65 0.75
N ILE B 89 -4.71 -2.95 0.54
CA ILE B 89 -5.95 -3.35 1.18
C ILE B 89 -6.40 -4.68 0.60
N SER B 90 -6.11 -4.92 -0.68
CA SER B 90 -6.51 -6.17 -1.35
C SER B 90 -5.92 -7.40 -0.74
N ILE B 91 -4.69 -7.26 -0.28
CA ILE B 91 -4.00 -8.32 0.40
C ILE B 91 -4.64 -8.64 1.74
N TYR B 92 -4.95 -7.62 2.54
CA TYR B 92 -5.44 -7.84 3.91
C TYR B 92 -6.90 -8.27 3.93
N VAL B 93 -7.74 -7.62 3.13
CA VAL B 93 -9.11 -8.10 2.90
C VAL B 93 -9.10 -9.56 2.51
N ASN B 94 -8.39 -9.91 1.44
CA ASN B 94 -8.31 -11.33 1.01
C ASN B 94 -7.91 -12.29 2.12
N GLU B 95 -6.89 -11.90 2.90
CA GLU B 95 -6.40 -12.76 3.98
C GLU B 95 -7.28 -12.72 5.21
N LEU B 96 -7.97 -11.60 5.45
CA LEU B 96 -8.98 -11.58 6.50
C LEU B 96 -10.16 -12.49 6.14
N ILE B 97 -10.50 -12.56 4.85
CA ILE B 97 -11.65 -13.37 4.40
C ILE B 97 -11.32 -14.87 4.30
N GLN B 98 -10.32 -15.19 3.48
CA GLN B 98 -9.97 -16.58 3.15
C GLN B 98 -9.41 -17.38 4.33
N SER B 99 -8.62 -16.72 5.18
CA SER B 99 -7.93 -17.44 6.28
C SER B 99 -8.57 -17.24 7.66
N TYR B 100 -9.32 -16.17 7.85
CA TYR B 100 -9.97 -15.93 9.16
C TYR B 100 -11.51 -15.85 9.10
N ASP B 101 -12.10 -16.18 7.96
CA ASP B 101 -13.57 -16.12 7.75
C ASP B 101 -14.30 -14.87 8.31
N VAL B 102 -13.69 -13.70 8.12
CA VAL B 102 -14.30 -12.45 8.55
C VAL B 102 -15.56 -12.21 7.74
N GLN B 103 -16.66 -11.86 8.42
CA GLN B 103 -17.96 -11.60 7.75
C GLN B 103 -18.22 -10.15 7.34
N ASN B 104 -17.93 -9.21 8.22
CA ASN B 104 -18.20 -7.79 7.95
C ASN B 104 -16.92 -6.99 7.99
N LEU B 105 -16.73 -6.19 6.94
CA LEU B 105 -15.53 -5.39 6.79
C LEU B 105 -15.92 -3.91 6.62
N ILE B 106 -15.63 -3.08 7.62
CA ILE B 106 -16.00 -1.68 7.56
C ILE B 106 -14.76 -0.86 7.53
N ARG B 107 -14.56 -0.12 6.43
CA ARG B 107 -13.39 0.76 6.31
C ARG B 107 -13.76 2.08 6.93
N VAL B 108 -12.80 2.65 7.63
CA VAL B 108 -13.00 3.86 8.39
C VAL B 108 -11.80 4.76 8.15
N GLY B 109 -11.88 5.59 7.13
CA GLY B 109 -10.78 6.45 6.81
C GLY B 109 -11.28 7.83 6.50
N SER B 110 -10.55 8.48 5.60
CA SER B 110 -10.76 9.88 5.24
C SER B 110 -10.67 9.93 3.74
N CYS B 111 -11.29 10.94 3.14
CA CYS B 111 -11.14 11.21 1.71
C CYS B 111 -10.95 12.71 1.45
N GLY B 112 -10.64 13.05 0.21
CA GLY B 112 -10.59 14.44 -0.20
C GLY B 112 -11.91 14.78 -0.85
N ALA B 113 -12.60 15.76 -0.30
CA ALA B 113 -13.87 16.26 -0.88
C ALA B 113 -13.58 17.06 -2.14
N ILE B 114 -14.32 16.77 -3.20
CA ILE B 114 -14.11 17.42 -4.50
C ILE B 114 -15.29 18.26 -4.96
N ARG B 115 -16.39 18.23 -4.22
CA ARG B 115 -17.52 19.13 -4.47
C ARG B 115 -17.67 20.12 -3.32
N LYS B 116 -18.03 21.37 -3.65
CA LYS B 116 -18.37 22.38 -2.62
C LYS B 116 -19.44 21.91 -1.60
N ASP B 117 -20.46 21.16 -2.02
CA ASP B 117 -21.57 20.77 -1.10
C ASP B 117 -21.31 19.64 -0.08
N VAL B 118 -20.19 18.93 -0.21
CA VAL B 118 -19.74 18.01 0.82
C VAL B 118 -19.04 18.89 1.83
N LYS B 119 -19.48 18.81 3.08
CA LYS B 119 -19.06 19.74 4.11
C LYS B 119 -18.09 19.01 5.03
N VAL B 120 -17.25 19.77 5.72
CA VAL B 120 -16.13 19.21 6.48
C VAL B 120 -16.49 18.33 7.69
N ARG B 121 -17.75 18.38 8.13
CA ARG B 121 -18.19 17.57 9.25
C ARG B 121 -19.01 16.39 8.79
N ASP B 122 -19.28 16.30 7.49
CA ASP B 122 -20.15 15.25 7.01
C ASP B 122 -19.42 13.94 7.13
N VAL B 123 -20.16 12.91 7.49
CA VAL B 123 -19.61 11.57 7.48
C VAL B 123 -20.17 10.97 6.24
N ILE B 124 -19.31 10.40 5.42
CA ILE B 124 -19.74 9.88 4.14
C ILE B 124 -19.87 8.37 4.20
N LEU B 125 -20.97 7.88 3.62
CA LEU B 125 -21.23 6.48 3.45
C LEU B 125 -21.17 6.19 1.96
N ALA B 126 -20.08 5.57 1.52
CA ALA B 126 -19.86 5.21 0.12
C ALA B 126 -20.77 4.07 -0.35
N MET B 127 -21.71 4.41 -1.24
CA MET B 127 -22.59 3.42 -1.89
C MET B 127 -21.89 2.66 -3.00
N THR B 128 -21.03 3.37 -3.71
CA THR B 128 -20.24 2.77 -4.76
C THR B 128 -19.00 3.61 -5.00
N SER B 129 -18.07 3.07 -5.76
CA SER B 129 -16.83 3.74 -6.03
C SER B 129 -16.49 3.66 -7.51
N SER B 130 -15.80 4.68 -7.97
CA SER B 130 -15.26 4.69 -9.30
C SER B 130 -13.74 4.56 -9.08
N THR B 131 -13.00 4.30 -10.14
CA THR B 131 -11.60 4.03 -9.97
C THR B 131 -10.83 4.15 -11.27
N ASP B 132 -9.54 4.46 -11.12
CA ASP B 132 -8.63 4.34 -12.23
C ASP B 132 -7.66 3.21 -12.01
N SER B 133 -7.94 2.36 -11.01
CA SER B 133 -7.30 1.07 -10.91
C SER B 133 -7.80 0.13 -12.00
N GLN B 134 -6.91 -0.79 -12.34
CA GLN B 134 -7.10 -1.71 -13.41
C GLN B 134 -7.46 -3.07 -12.84
N MET B 135 -7.58 -3.17 -11.51
CA MET B 135 -7.85 -4.47 -10.91
C MET B 135 -9.09 -5.11 -11.53
N ASN B 136 -10.12 -4.32 -11.83
CA ASN B 136 -11.38 -4.85 -12.39
C ASN B 136 -11.42 -4.96 -13.92
N ARG B 137 -10.61 -4.17 -14.63
CA ARG B 137 -10.46 -4.37 -16.08
C ARG B 137 -9.65 -5.64 -16.40
N VAL B 138 -8.72 -5.97 -15.51
CA VAL B 138 -7.98 -7.22 -15.60
C VAL B 138 -8.93 -8.40 -15.46
N ALA B 139 -9.92 -8.24 -14.58
CA ALA B 139 -10.89 -9.32 -14.31
C ALA B 139 -11.99 -9.44 -15.39
N PHE B 140 -12.56 -8.32 -15.80
CA PHE B 140 -13.75 -8.31 -16.67
C PHE B 140 -13.54 -7.76 -18.10
N GLY B 141 -12.42 -7.07 -18.34
CA GLY B 141 -12.05 -6.63 -19.69
C GLY B 141 -12.92 -5.52 -20.24
N SER B 142 -13.86 -5.87 -21.12
CA SER B 142 -14.79 -4.90 -21.72
C SER B 142 -15.93 -4.49 -20.79
N VAL B 143 -15.99 -5.09 -19.61
CA VAL B 143 -16.99 -4.70 -18.61
C VAL B 143 -16.43 -3.63 -17.64
N ASP B 144 -17.22 -2.57 -17.45
CA ASP B 144 -17.03 -1.64 -16.36
C ASP B 144 -17.68 -2.28 -15.14
N PHE B 145 -16.90 -2.80 -14.20
CA PHE B 145 -17.49 -3.30 -12.95
C PHE B 145 -17.66 -2.19 -11.92
N ALA B 146 -18.89 -2.05 -11.41
CA ALA B 146 -19.24 -1.10 -10.36
C ALA B 146 -19.41 -1.81 -9.01
N PRO B 147 -18.42 -1.64 -8.12
CA PRO B 147 -18.52 -2.21 -6.79
C PRO B 147 -19.69 -1.62 -6.06
N CYS B 148 -20.34 -2.46 -5.27
CA CYS B 148 -21.50 -2.08 -4.50
C CYS B 148 -21.23 -2.39 -3.03
N ALA B 149 -21.54 -1.41 -2.17
CA ALA B 149 -21.63 -1.62 -0.72
C ALA B 149 -22.71 -2.65 -0.42
N ASP B 150 -22.56 -3.36 0.68
CA ASP B 150 -23.65 -4.16 1.24
C ASP B 150 -24.70 -3.26 1.91
N PHE B 151 -25.90 -3.18 1.32
CA PHE B 151 -26.97 -2.27 1.82
C PHE B 151 -27.34 -2.45 3.29
N GLU B 152 -27.24 -3.69 3.77
CA GLU B 152 -27.63 -3.98 5.13
C GLU B 152 -26.75 -3.17 6.04
N LEU B 153 -25.43 -3.36 5.89
CA LEU B 153 -24.47 -2.53 6.61
C LEU B 153 -24.72 -1.07 6.35
N LEU B 154 -24.87 -0.69 5.07
CA LEU B 154 -25.02 0.71 4.73
C LEU B 154 -26.19 1.31 5.49
N LYS B 155 -27.33 0.60 5.50
CA LYS B 155 -28.57 1.05 6.17
C LYS B 155 -28.42 1.22 7.68
N ASN B 156 -27.77 0.27 8.34
CA ASN B 156 -27.53 0.38 9.77
C ASN B 156 -26.66 1.55 10.09
N ALA B 157 -25.62 1.71 9.30
CA ALA B 157 -24.78 2.88 9.42
C ALA B 157 -25.59 4.18 9.22
N TYR B 158 -26.53 4.21 8.28
CA TYR B 158 -27.36 5.40 8.07
C TYR B 158 -28.25 5.67 9.29
N ASP B 159 -28.92 4.64 9.80
CA ASP B 159 -29.86 4.80 10.92
C ASP B 159 -29.17 5.15 12.22
N ALA B 160 -27.97 4.61 12.44
CA ALA B 160 -27.18 4.93 13.60
C ALA B 160 -26.76 6.40 13.57
N ALA B 161 -26.51 6.93 12.37
CA ALA B 161 -26.18 8.36 12.20
C ALA B 161 -27.38 9.29 12.50
N LYS B 162 -28.48 9.04 11.79
CA LYS B 162 -29.71 9.82 11.95
C LYS B 162 -30.23 9.80 13.42
N ASP B 163 -30.35 8.61 13.97
CA ASP B 163 -30.69 8.38 15.39
C ASP B 163 -30.07 9.39 16.39
N LYS B 164 -28.76 9.57 16.27
CA LYS B 164 -28.01 10.49 17.10
C LYS B 164 -28.08 11.91 16.48
N GLY B 165 -28.46 12.01 15.20
CA GLY B 165 -28.43 13.27 14.45
C GLY B 165 -27.02 13.64 13.99
N VAL B 166 -26.14 12.64 13.84
CA VAL B 166 -24.82 12.86 13.26
C VAL B 166 -25.01 13.12 11.76
N PRO B 167 -24.45 14.23 11.24
CA PRO B 167 -24.79 14.59 9.87
C PRO B 167 -24.11 13.62 8.91
N VAL B 168 -24.80 13.21 7.86
CA VAL B 168 -24.32 12.11 7.04
C VAL B 168 -24.73 12.21 5.56
N THR B 169 -23.80 11.89 4.65
CA THR B 169 -24.06 11.97 3.22
C THR B 169 -23.76 10.65 2.54
N VAL B 170 -24.63 10.27 1.60
CA VAL B 170 -24.58 8.97 0.93
C VAL B 170 -24.41 9.11 -0.57
N GLY B 171 -23.36 8.51 -1.10
CA GLY B 171 -23.14 8.55 -2.53
C GLY B 171 -21.90 7.77 -2.93
N SER B 172 -21.32 8.16 -4.05
CA SER B 172 -20.20 7.44 -4.62
C SER B 172 -18.89 8.12 -4.35
N VAL B 173 -17.81 7.36 -4.37
CA VAL B 173 -16.48 7.93 -4.23
C VAL B 173 -15.59 7.53 -5.40
N PHE B 174 -14.34 8.00 -5.39
CA PHE B 174 -13.37 7.62 -6.41
C PHE B 174 -12.18 6.98 -5.74
N THR B 175 -11.76 5.82 -6.24
CA THR B 175 -10.60 5.13 -5.70
C THR B 175 -9.40 5.41 -6.60
N ALA B 176 -8.60 6.41 -6.24
CA ALA B 176 -7.40 6.78 -7.03
C ALA B 176 -6.29 5.74 -6.88
N ASP B 177 -5.49 5.56 -7.93
CA ASP B 177 -4.23 4.79 -7.89
C ASP B 177 -3.03 5.66 -7.55
N GLN B 178 -3.14 6.95 -7.78
CA GLN B 178 -2.00 7.85 -7.67
C GLN B 178 -2.45 9.07 -6.94
N PHE B 179 -1.84 9.30 -5.80
CA PHE B 179 -2.13 10.43 -4.97
C PHE B 179 -1.79 11.77 -5.67
N TYR B 180 -0.61 11.85 -6.29
CA TYR B 180 -0.16 13.06 -7.00
C TYR B 180 -0.35 12.90 -8.51
N ASN B 181 -1.61 12.91 -8.95
CA ASN B 181 -1.94 12.54 -10.33
C ASN B 181 -1.74 13.70 -11.32
N ASP B 182 -0.88 13.51 -12.32
CA ASP B 182 -0.65 14.55 -13.35
C ASP B 182 -1.88 14.71 -14.27
N ASP B 183 -2.50 13.59 -14.63
CA ASP B 183 -3.63 13.57 -15.56
C ASP B 183 -4.96 13.47 -14.82
N SER B 184 -5.12 14.20 -13.69
CA SER B 184 -6.26 13.99 -12.77
C SER B 184 -7.62 14.44 -13.34
N GLN B 185 -8.58 13.52 -13.37
CA GLN B 185 -9.90 13.75 -13.99
C GLN B 185 -10.98 14.02 -12.94
N ILE B 186 -10.59 14.13 -11.68
CA ILE B 186 -11.52 14.50 -10.60
C ILE B 186 -12.41 15.72 -10.94
N GLU B 187 -11.92 16.64 -11.78
CA GLU B 187 -12.73 17.77 -12.27
C GLU B 187 -13.94 17.27 -13.06
N LYS B 188 -13.76 16.19 -13.82
CA LYS B 188 -14.91 15.57 -14.51
C LYS B 188 -15.74 14.78 -13.49
N LEU B 189 -15.12 13.91 -12.70
CA LEU B 189 -15.91 13.14 -11.71
C LEU B 189 -16.73 14.03 -10.77
N ALA B 190 -16.26 15.25 -10.51
CA ALA B 190 -17.00 16.23 -9.69
C ALA B 190 -18.33 16.66 -10.33
N LYS B 191 -18.37 16.63 -11.64
CA LYS B 191 -19.55 17.01 -12.40
C LYS B 191 -20.56 15.88 -12.56
N TYR B 192 -20.18 14.66 -12.20
CA TYR B 192 -21.11 13.53 -12.20
C TYR B 192 -21.65 13.21 -10.78
N GLY B 193 -21.42 14.11 -9.83
CA GLY B 193 -21.91 13.92 -8.47
C GLY B 193 -20.98 13.18 -7.52
N VAL B 194 -19.85 12.66 -8.02
CA VAL B 194 -18.90 11.93 -7.18
C VAL B 194 -18.42 12.78 -6.01
N LEU B 195 -18.36 12.21 -4.82
CA LEU B 195 -18.22 13.00 -3.61
C LEU B 195 -16.77 13.33 -3.22
N GLY B 196 -15.91 12.32 -3.26
CA GLY B 196 -14.53 12.49 -2.86
C GLY B 196 -13.62 11.39 -3.36
N VAL B 197 -12.31 11.59 -3.14
CA VAL B 197 -11.30 10.66 -3.57
C VAL B 197 -10.52 10.07 -2.37
N GLU B 198 -10.37 8.76 -2.35
CA GLU B 198 -9.47 8.08 -1.46
C GLU B 198 -8.89 6.98 -2.33
N MET B 199 -8.38 5.90 -1.75
CA MET B 199 -7.59 4.92 -2.51
C MET B 199 -7.83 3.44 -2.14
N GLU B 200 -8.98 3.11 -1.57
CA GLU B 200 -9.19 1.77 -1.03
C GLU B 200 -10.57 1.17 -1.34
N THR B 201 -11.63 1.96 -1.25
CA THR B 201 -13.01 1.46 -1.38
C THR B 201 -13.26 0.44 -2.52
N THR B 202 -12.88 0.80 -3.74
CA THR B 202 -13.12 -0.11 -4.86
C THR B 202 -12.64 -1.53 -4.57
N ALA B 203 -11.43 -1.65 -4.06
CA ALA B 203 -10.84 -2.94 -3.75
C ALA B 203 -11.63 -3.66 -2.66
N LEU B 204 -11.98 -2.96 -1.60
CA LEU B 204 -12.77 -3.57 -0.52
C LEU B 204 -14.08 -4.15 -1.05
N TYR B 205 -14.87 -3.33 -1.72
CA TYR B 205 -16.20 -3.73 -2.18
C TYR B 205 -16.11 -4.86 -3.17
N THR B 206 -15.09 -4.83 -4.00
CA THR B 206 -14.99 -5.83 -5.05
C THR B 206 -14.64 -7.20 -4.45
N LEU B 207 -13.63 -7.24 -3.59
CA LEU B 207 -13.23 -8.49 -2.96
C LEU B 207 -14.31 -9.02 -2.01
N ALA B 208 -14.87 -8.14 -1.16
CA ALA B 208 -16.00 -8.51 -0.28
C ALA B 208 -17.11 -9.21 -1.06
N ALA B 209 -17.61 -8.54 -2.07
CA ALA B 209 -18.63 -9.07 -2.95
C ALA B 209 -18.22 -10.43 -3.55
N LYS B 210 -16.97 -10.51 -4.03
CA LYS B 210 -16.47 -11.72 -4.68
C LYS B 210 -16.60 -12.94 -3.78
N HIS B 211 -16.49 -12.72 -2.48
CA HIS B 211 -16.38 -13.82 -1.54
C HIS B 211 -17.64 -14.03 -0.71
N GLY B 212 -18.70 -13.33 -1.05
CA GLY B 212 -19.94 -13.39 -0.29
C GLY B 212 -19.89 -12.74 1.09
N ARG B 213 -19.04 -11.74 1.29
CA ARG B 213 -18.99 -11.04 2.59
C ARG B 213 -19.54 -9.65 2.51
N LYS B 214 -19.80 -9.05 3.66
CA LYS B 214 -20.39 -7.71 3.73
C LYS B 214 -19.35 -6.63 3.95
N ALA B 215 -19.52 -5.52 3.25
CA ALA B 215 -18.55 -4.44 3.29
C ALA B 215 -19.25 -3.05 3.24
N LEU B 216 -18.61 -2.04 3.86
CA LEU B 216 -19.01 -0.63 3.77
C LEU B 216 -17.85 0.28 4.11
N SER B 217 -17.79 1.46 3.49
CA SER B 217 -16.75 2.44 3.78
C SER B 217 -17.31 3.69 4.36
N ILE B 218 -16.85 4.02 5.55
CA ILE B 218 -17.25 5.25 6.17
C ILE B 218 -16.11 6.25 6.11
N LEU B 219 -16.32 7.40 5.49
CA LEU B 219 -15.22 8.34 5.30
C LEU B 219 -15.49 9.71 5.93
N THR B 220 -14.44 10.31 6.51
CA THR B 220 -14.49 11.70 6.96
C THR B 220 -13.71 12.55 5.94
N VAL B 221 -13.99 13.84 5.85
CA VAL B 221 -13.32 14.72 4.88
C VAL B 221 -12.00 15.19 5.43
N SER B 222 -10.91 14.91 4.72
CA SER B 222 -9.59 15.36 5.16
C SER B 222 -9.35 16.79 4.66
N ASP B 223 -9.64 17.02 3.39
CA ASP B 223 -9.56 18.38 2.82
C ASP B 223 -10.54 18.51 1.68
N HIS B 224 -10.64 19.75 1.16
CA HIS B 224 -11.26 20.01 -0.13
C HIS B 224 -10.14 20.09 -1.16
N VAL B 225 -10.14 19.17 -2.11
CA VAL B 225 -9.04 19.04 -3.04
C VAL B 225 -9.03 20.19 -4.04
N LEU B 226 -10.22 20.66 -4.41
CA LEU B 226 -10.37 21.56 -5.57
C LEU B 226 -10.21 23.05 -5.26
N THR B 227 -10.14 23.41 -3.98
CA THR B 227 -9.84 24.78 -3.56
C THR B 227 -8.64 24.86 -2.59
N GLY B 228 -7.83 23.79 -2.56
CA GLY B 228 -6.73 23.63 -1.58
C GLY B 228 -7.15 23.58 -0.10
N GLU B 229 -8.37 24.03 0.16
CA GLU B 229 -8.83 24.36 1.50
C GLU B 229 -8.71 23.16 2.46
N GLU B 230 -8.05 23.40 3.59
CA GLU B 230 -7.76 22.38 4.59
C GLU B 230 -8.75 22.42 5.78
N THR B 231 -9.08 21.24 6.29
CA THR B 231 -9.81 21.10 7.54
C THR B 231 -8.84 21.40 8.69
N THR B 232 -9.37 21.90 9.81
CA THR B 232 -8.57 22.11 11.04
C THR B 232 -8.46 20.80 11.85
N ALA B 233 -7.45 20.73 12.73
CA ALA B 233 -7.16 19.51 13.53
C ALA B 233 -8.24 19.15 14.56
N GLU B 234 -9.12 20.10 14.84
CA GLU B 234 -10.18 19.93 15.81
C GLU B 234 -11.51 19.48 15.14
N GLU B 235 -11.74 19.91 13.90
CA GLU B 235 -12.85 19.38 13.10
C GLU B 235 -12.52 17.92 12.79
N ARG B 236 -11.36 17.66 12.19
CA ARG B 236 -10.93 16.27 11.93
C ARG B 236 -11.15 15.38 13.14
N GLN B 237 -10.82 15.87 14.32
CA GLN B 237 -10.92 15.04 15.54
C GLN B 237 -12.36 14.74 15.99
N THR B 238 -13.29 15.65 15.70
CA THR B 238 -14.71 15.48 16.01
C THR B 238 -15.43 14.54 15.02
N THR B 239 -15.08 14.63 13.75
CA THR B 239 -15.72 13.79 12.73
C THR B 239 -15.16 12.39 12.80
N PHE B 240 -13.93 12.26 13.22
CA PHE B 240 -13.31 10.94 13.35
C PHE B 240 -14.06 10.16 14.42
N HIS B 241 -14.32 10.82 15.54
CA HIS B 241 -15.11 10.27 16.62
C HIS B 241 -16.49 9.82 16.09
N ASP B 242 -17.17 10.71 15.38
CA ASP B 242 -18.47 10.41 14.77
C ASP B 242 -18.44 9.19 13.86
N MET B 243 -17.37 9.09 13.06
CA MET B 243 -17.18 7.98 12.14
C MET B 243 -17.07 6.66 12.84
N ILE B 244 -16.16 6.58 13.81
CA ILE B 244 -15.92 5.34 14.54
C ILE B 244 -17.17 4.93 15.30
N ASP B 245 -17.84 5.93 15.88
CA ASP B 245 -19.05 5.68 16.64
C ASP B 245 -20.17 5.12 15.76
N VAL B 246 -20.41 5.76 14.62
CA VAL B 246 -21.37 5.22 13.68
C VAL B 246 -21.01 3.77 13.34
N ALA B 247 -19.75 3.57 12.99
CA ALA B 247 -19.31 2.27 12.57
C ALA B 247 -19.63 1.27 13.63
N LEU B 248 -19.44 1.65 14.88
CA LEU B 248 -19.55 0.72 15.95
C LEU B 248 -20.97 0.26 16.16
N HIS B 249 -21.95 0.98 15.65
CA HIS B 249 -23.31 0.47 15.71
C HIS B 249 -23.87 0.06 14.38
N SER B 250 -23.05 -0.46 13.46
CA SER B 250 -23.57 -0.82 12.14
C SER B 250 -23.93 -2.31 11.96
N VAL B 251 -23.37 -3.20 12.77
CA VAL B 251 -23.51 -4.66 12.53
C VAL B 251 -24.72 -5.28 13.23
N SER B 252 -25.65 -5.82 12.42
CA SER B 252 -26.95 -6.46 12.87
C SER B 252 -28.17 -5.68 12.38
#